data_2PX7
#
_entry.id   2PX7
#
_cell.length_a   104.084
_cell.length_b   104.084
_cell.length_c   107.760
_cell.angle_alpha   90.000
_cell.angle_beta   90.000
_cell.angle_gamma   120.000
#
_symmetry.space_group_name_H-M   'P 61'
#
loop_
_entity.id
_entity.type
_entity.pdbx_description
1 polymer '2-C-methyl-D-erythritol 4-phosphate cytidylyltransferase'
2 water water
#
_entity_poly.entity_id   1
_entity_poly.type   'polypeptide(L)'
_entity_poly.pdbx_seq_one_letter_code
;MGHHHHHHHHHHSSGHIDDDDKHMEVSVLIPAAGNGLRLGRGPKAFLQVGGRTLLEWTLAAFRDAAEVLVALPPGAEPPK
GLGAVFLEGGATRQASVARLLEAASLPLVLVHDVARPFVSRGLVARVLEAAQRSGAAVPVLPVPDTLMAPEGEAYGRVVP
REAFRLVQTPQGFFTALLREAHAYARRKGLEASDDAQLVQALGYPVALVEGEATAFKITHPQDLVLAEALARVWSA
;
_entity_poly.pdbx_strand_id   A,B
#
# COMPACT_ATOMS: atom_id res chain seq x y z
N MET A 24 30.46 10.56 -3.73
CA MET A 24 30.13 10.13 -2.32
C MET A 24 29.27 8.86 -2.23
N GLU A 25 28.45 8.59 -3.25
CA GLU A 25 27.90 7.25 -3.47
C GLU A 25 28.46 6.59 -4.74
N VAL A 26 27.62 6.32 -5.77
CA VAL A 26 27.98 5.53 -7.04
C VAL A 26 26.99 5.61 -8.31
N SER A 27 26.51 4.53 -8.95
CA SER A 27 25.76 4.68 -10.25
C SER A 27 24.17 4.52 -10.34
N VAL A 28 23.43 5.61 -10.58
CA VAL A 28 21.96 5.59 -10.46
C VAL A 28 21.24 5.62 -11.82
N LEU A 29 20.37 4.64 -12.08
CA LEU A 29 19.63 4.58 -13.34
C LEU A 29 18.17 4.88 -13.13
N ILE A 30 17.67 5.89 -13.84
CA ILE A 30 16.28 6.33 -13.77
C ILE A 30 15.53 6.10 -15.11
N PRO A 31 14.92 4.92 -15.29
CA PRO A 31 14.20 4.63 -16.55
C PRO A 31 12.85 5.33 -16.62
N ALA A 32 12.85 6.64 -16.80
CA ALA A 32 11.60 7.45 -16.80
C ALA A 32 11.05 7.74 -18.21
N ALA A 33 10.78 6.72 -19.00
CA ALA A 33 10.32 7.00 -20.37
C ALA A 33 8.79 6.82 -20.60
N GLY A 34 8.04 6.61 -19.52
CA GLY A 34 6.57 6.50 -19.60
C GLY A 34 5.94 7.81 -20.04
N GLY A 42 1.54 14.78 -20.24
CA GLY A 42 2.81 14.54 -20.93
C GLY A 42 3.65 13.43 -20.31
N PRO A 43 4.99 13.57 -20.35
CA PRO A 43 5.87 12.56 -19.71
C PRO A 43 5.70 12.53 -18.19
N LYS A 44 5.62 11.33 -17.62
CA LYS A 44 5.55 11.13 -16.17
C LYS A 44 6.67 11.85 -15.39
N ALA A 45 7.86 11.92 -15.99
CA ALA A 45 9.00 12.56 -15.35
C ALA A 45 8.74 14.05 -15.08
N PHE A 46 7.90 14.66 -15.91
CA PHE A 46 7.58 16.08 -15.78
C PHE A 46 6.25 16.35 -15.07
N LEU A 47 5.70 15.35 -14.40
CA LEU A 47 4.49 15.55 -13.58
C LEU A 47 4.86 16.34 -12.32
N GLN A 48 4.18 17.46 -12.12
CA GLN A 48 4.41 18.30 -10.94
C GLN A 48 3.77 17.70 -9.69
N VAL A 49 4.54 17.68 -8.61
CA VAL A 49 4.06 17.25 -7.31
C VAL A 49 4.61 18.25 -6.30
N GLY A 50 3.77 19.20 -5.91
CA GLY A 50 4.08 20.18 -4.86
C GLY A 50 5.32 21.04 -5.04
N GLY A 51 5.48 21.63 -6.21
CA GLY A 51 6.61 22.54 -6.45
C GLY A 51 7.94 21.88 -6.81
N ARG A 52 7.85 20.65 -7.33
CA ARG A 52 8.98 19.93 -7.94
C ARG A 52 8.36 18.90 -8.88
N THR A 53 8.95 18.70 -10.05
CA THR A 53 8.53 17.59 -10.91
C THR A 53 9.01 16.28 -10.28
N LEU A 54 8.43 15.16 -10.71
CA LEU A 54 8.90 13.84 -10.26
C LEU A 54 10.40 13.69 -10.47
N LEU A 55 10.87 14.09 -11.64
CA LEU A 55 12.31 14.02 -11.96
C LEU A 55 13.13 14.78 -10.94
N GLU A 56 12.70 15.99 -10.61
CA GLU A 56 13.39 16.82 -9.63
C GLU A 56 13.39 16.18 -8.25
N TRP A 57 12.27 15.58 -7.88
CA TRP A 57 12.21 14.79 -6.64
C TRP A 57 13.23 13.65 -6.62
N THR A 58 13.31 12.81 -7.66
CA THR A 58 14.29 11.70 -7.58
C THR A 58 15.72 12.20 -7.63
N LEU A 59 15.98 13.25 -8.42
CA LEU A 59 17.34 13.81 -8.49
C LEU A 59 17.84 14.35 -7.15
N ALA A 60 16.93 14.92 -6.35
CA ALA A 60 17.23 15.32 -4.98
C ALA A 60 17.53 14.12 -4.07
N ALA A 61 16.72 13.05 -4.20
CA ALA A 61 16.93 11.82 -3.40
C ALA A 61 18.28 11.14 -3.65
N PHE A 62 18.81 11.30 -4.86
CA PHE A 62 20.08 10.68 -5.22
C PHE A 62 21.21 11.72 -5.47
N ARG A 63 21.15 12.86 -4.78
CA ARG A 63 22.09 13.94 -5.10
C ARG A 63 23.54 13.66 -4.67
N ASP A 64 23.70 12.72 -3.76
CA ASP A 64 25.01 12.27 -3.32
C ASP A 64 25.65 11.19 -4.21
N ALA A 65 24.91 10.71 -5.23
CA ALA A 65 25.41 9.67 -6.14
C ALA A 65 26.45 10.21 -7.11
N ALA A 66 27.47 9.41 -7.39
CA ALA A 66 28.55 9.83 -8.29
C ALA A 66 28.07 10.05 -9.74
N GLU A 67 27.04 9.31 -10.16
CA GLU A 67 26.52 9.36 -11.53
C GLU A 67 25.02 9.05 -11.56
N VAL A 68 24.23 9.96 -12.14
CA VAL A 68 22.80 9.75 -12.35
C VAL A 68 22.53 9.75 -13.86
N LEU A 69 21.90 8.67 -14.33
CA LEU A 69 21.57 8.51 -15.75
C LEU A 69 20.06 8.37 -15.87
N VAL A 70 19.47 9.20 -16.72
CA VAL A 70 18.02 9.31 -16.86
C VAL A 70 17.60 9.02 -18.29
N ALA A 71 16.55 8.22 -18.43
CA ALA A 71 15.94 7.93 -19.72
C ALA A 71 14.67 8.73 -19.86
N LEU A 72 14.52 9.41 -21.00
CA LEU A 72 13.30 10.17 -21.26
C LEU A 72 12.66 9.73 -22.57
N PRO A 73 11.33 9.92 -22.71
CA PRO A 73 10.74 9.48 -23.97
C PRO A 73 11.36 10.26 -25.15
N PRO A 74 11.57 9.62 -26.32
CA PRO A 74 12.13 10.33 -27.47
C PRO A 74 11.31 11.58 -27.79
N GLY A 75 12.00 12.69 -28.09
CA GLY A 75 11.31 13.95 -28.36
C GLY A 75 11.15 14.87 -27.16
N ALA A 76 11.13 14.30 -25.95
CA ALA A 76 11.05 15.10 -24.72
C ALA A 76 12.39 15.75 -24.42
N GLU A 77 12.38 17.05 -24.17
CA GLU A 77 13.61 17.82 -23.95
C GLU A 77 14.10 17.73 -22.51
N PRO A 78 15.35 17.26 -22.31
CA PRO A 78 15.94 17.23 -20.98
C PRO A 78 15.97 18.63 -20.35
N PRO A 79 15.66 18.72 -19.05
CA PRO A 79 15.71 20.03 -18.40
C PRO A 79 17.14 20.48 -18.13
N LYS A 80 17.36 21.79 -18.13
CA LYS A 80 18.70 22.36 -18.03
C LYS A 80 19.25 22.42 -16.60
N GLY A 81 20.53 22.12 -16.46
CA GLY A 81 21.27 22.40 -15.23
C GLY A 81 21.10 21.45 -14.07
N LEU A 82 20.48 20.30 -14.32
CA LEU A 82 20.33 19.28 -13.30
C LEU A 82 21.58 18.42 -13.30
N GLY A 83 21.85 17.74 -12.19
CA GLY A 83 23.04 16.89 -12.15
C GLY A 83 22.69 15.49 -12.61
N ALA A 84 22.64 15.30 -13.93
CA ALA A 84 22.28 14.03 -14.56
C ALA A 84 22.64 14.00 -16.05
N VAL A 85 22.90 12.80 -16.57
CA VAL A 85 23.08 12.59 -18.02
C VAL A 85 21.81 11.94 -18.59
N PHE A 86 21.33 12.44 -19.71
CA PHE A 86 20.06 12.02 -20.31
C PHE A 86 20.23 11.25 -21.61
N LEU A 87 19.39 10.24 -21.82
CA LEU A 87 19.33 9.50 -23.09
C LEU A 87 17.87 9.23 -23.41
N GLU A 88 17.61 8.77 -24.63
CA GLU A 88 16.26 8.43 -25.04
C GLU A 88 15.94 7.02 -24.57
N GLY A 89 14.81 6.87 -23.89
CA GLY A 89 14.35 5.56 -23.44
C GLY A 89 13.66 4.76 -24.53
N GLY A 90 13.45 3.47 -24.27
CA GLY A 90 12.73 2.60 -25.18
C GLY A 90 11.25 2.59 -24.88
N ALA A 91 10.54 1.66 -25.54
CA ALA A 91 9.09 1.56 -25.40
C ALA A 91 8.67 1.02 -24.03
N THR A 92 9.57 0.27 -23.39
CA THR A 92 9.30 -0.29 -22.05
C THR A 92 10.36 0.15 -21.06
N ARG A 93 10.00 0.20 -19.77
CA ARG A 93 10.90 0.50 -18.67
C ARG A 93 12.14 -0.38 -18.78
N GLN A 94 11.95 -1.67 -19.03
CA GLN A 94 13.05 -2.61 -19.13
C GLN A 94 14.04 -2.25 -20.22
N ALA A 95 13.53 -1.86 -21.39
CA ALA A 95 14.37 -1.40 -22.51
C ALA A 95 15.12 -0.13 -22.12
N SER A 96 14.46 0.78 -21.40
CA SER A 96 15.13 1.98 -20.93
C SER A 96 16.25 1.64 -19.97
N VAL A 97 16.00 0.72 -19.02
CA VAL A 97 17.06 0.26 -18.11
C VAL A 97 18.29 -0.28 -18.85
N ALA A 98 18.06 -1.14 -19.84
CA ALA A 98 19.17 -1.69 -20.65
C ALA A 98 20.02 -0.60 -21.32
N ARG A 99 19.34 0.43 -21.82
CA ARG A 99 20.02 1.57 -22.45
C ARG A 99 20.86 2.33 -21.45
N LEU A 100 20.27 2.66 -20.32
CA LEU A 100 20.98 3.32 -19.23
C LEU A 100 22.16 2.50 -18.74
N LEU A 101 21.96 1.20 -18.64
CA LEU A 101 22.98 0.28 -18.11
C LEU A 101 24.26 0.26 -18.95
N GLU A 102 24.10 0.37 -20.27
CA GLU A 102 25.24 0.40 -21.18
C GLU A 102 26.15 1.60 -20.91
N ALA A 103 25.55 2.69 -20.43
CA ALA A 103 26.25 3.94 -20.12
C ALA A 103 26.81 4.02 -18.70
N ALA A 104 26.39 3.10 -17.82
CA ALA A 104 26.82 3.10 -16.41
C ALA A 104 28.34 2.94 -16.31
N SER A 105 29.01 3.76 -15.48
CA SER A 105 30.47 3.73 -15.40
C SER A 105 31.00 3.08 -14.12
N LEU A 106 30.12 2.92 -13.13
CA LEU A 106 30.51 2.41 -11.82
C LEU A 106 30.02 0.96 -11.59
N PRO A 107 30.76 0.17 -10.79
CA PRO A 107 30.47 -1.26 -10.61
C PRO A 107 29.24 -1.60 -9.75
N LEU A 108 28.57 -0.57 -9.25
CA LEU A 108 27.34 -0.73 -8.48
C LEU A 108 26.25 0.16 -9.05
N VAL A 109 25.03 -0.37 -9.17
CA VAL A 109 23.92 0.42 -9.71
C VAL A 109 22.71 0.44 -8.80
N LEU A 110 22.01 1.56 -8.78
CA LEU A 110 20.68 1.64 -8.20
C LEU A 110 19.71 1.98 -9.32
N VAL A 111 18.63 1.22 -9.41
CA VAL A 111 17.61 1.47 -10.42
C VAL A 111 16.33 1.92 -9.72
N HIS A 112 15.80 3.06 -10.13
CA HIS A 112 14.69 3.67 -9.41
C HIS A 112 13.56 4.14 -10.31
N ASP A 113 12.32 3.85 -9.88
CA ASP A 113 11.11 4.33 -10.53
C ASP A 113 10.92 5.78 -10.21
N VAL A 114 10.81 6.63 -11.22
CA VAL A 114 10.60 8.08 -11.05
C VAL A 114 9.23 8.40 -10.42
N ALA A 115 8.29 7.46 -10.50
CA ALA A 115 6.98 7.61 -9.84
C ALA A 115 7.01 7.38 -8.33
N ARG A 116 8.19 7.10 -7.77
CA ARG A 116 8.39 7.00 -6.30
C ARG A 116 9.26 8.18 -5.82
N PRO A 117 8.68 9.40 -5.69
CA PRO A 117 9.48 10.58 -5.33
C PRO A 117 9.99 10.66 -3.88
N PHE A 118 9.27 10.05 -2.94
CA PHE A 118 9.58 10.24 -1.51
C PHE A 118 10.38 9.07 -0.96
N VAL A 119 11.57 8.90 -1.50
CA VAL A 119 12.48 7.88 -1.02
C VAL A 119 13.49 8.59 -0.15
N SER A 120 13.67 8.08 1.07
CA SER A 120 14.50 8.72 2.07
C SER A 120 15.95 8.31 1.87
N ARG A 121 16.85 9.10 2.47
CA ARG A 121 18.26 8.79 2.47
C ARG A 121 18.51 7.46 3.17
N GLY A 122 17.72 7.19 4.21
CA GLY A 122 17.75 5.92 4.90
C GLY A 122 17.47 4.73 3.99
N LEU A 123 16.45 4.82 3.15
CA LEU A 123 16.12 3.74 2.22
C LEU A 123 17.26 3.52 1.22
N VAL A 124 17.72 4.58 0.57
CA VAL A 124 18.83 4.51 -0.37
C VAL A 124 20.04 3.80 0.24
N ALA A 125 20.51 4.29 1.40
CA ALA A 125 21.70 3.73 2.05
C ALA A 125 21.52 2.27 2.38
N ARG A 126 20.32 1.92 2.85
CA ARG A 126 19.97 0.55 3.19
C ARG A 126 20.01 -0.36 1.94
N VAL A 127 19.47 0.12 0.82
CA VAL A 127 19.49 -0.66 -0.41
C VAL A 127 20.93 -0.80 -0.89
N LEU A 128 21.64 0.32 -0.97
CA LEU A 128 23.04 0.33 -1.40
C LEU A 128 23.94 -0.57 -0.54
N GLU A 129 23.86 -0.39 0.78
CA GLU A 129 24.61 -1.20 1.74
C GLU A 129 24.45 -2.69 1.49
N ALA A 130 23.21 -3.16 1.34
CA ALA A 130 22.95 -4.57 1.08
C ALA A 130 23.41 -4.99 -0.32
N ALA A 131 23.29 -4.10 -1.29
CA ALA A 131 23.73 -4.41 -2.67
C ALA A 131 25.27 -4.57 -2.73
N GLN A 132 25.99 -3.74 -1.96
CA GLN A 132 27.47 -3.82 -1.87
C GLN A 132 27.96 -5.17 -1.40
N ARG A 133 27.20 -5.81 -0.53
CA ARG A 133 27.59 -7.09 0.06
C ARG A 133 27.06 -8.24 -0.76
N SER A 134 25.81 -8.13 -1.19
CA SER A 134 25.07 -9.26 -1.72
C SER A 134 25.02 -9.28 -3.25
N GLY A 135 25.26 -8.12 -3.87
CA GLY A 135 25.19 -8.02 -5.32
C GLY A 135 23.80 -7.84 -5.90
N ALA A 136 22.76 -8.04 -5.09
CA ALA A 136 21.37 -7.86 -5.55
C ALA A 136 20.52 -7.65 -4.31
N ALA A 137 19.87 -6.49 -4.19
CA ALA A 137 19.05 -6.18 -3.03
C ALA A 137 17.85 -5.31 -3.38
N VAL A 138 16.71 -5.69 -2.83
CA VAL A 138 15.42 -5.07 -3.13
C VAL A 138 14.67 -4.66 -1.83
N PRO A 139 14.12 -3.42 -1.78
CA PRO A 139 13.24 -3.05 -0.67
C PRO A 139 11.82 -3.61 -0.83
N VAL A 140 11.29 -4.17 0.26
CA VAL A 140 9.96 -4.75 0.28
C VAL A 140 9.16 -4.24 1.49
N LEU A 141 7.82 -4.24 1.37
CA LEU A 141 6.94 -3.94 2.49
C LEU A 141 5.97 -5.09 2.71
N PRO A 142 5.52 -5.28 3.98
CA PRO A 142 4.46 -6.29 4.13
C PRO A 142 3.19 -5.79 3.43
N VAL A 143 2.35 -6.71 2.99
CA VAL A 143 1.03 -6.36 2.48
C VAL A 143 0.15 -5.96 3.68
N PRO A 144 -0.31 -4.69 3.71
CA PRO A 144 -0.97 -4.14 4.90
C PRO A 144 -2.45 -4.49 5.11
N ASP A 145 -3.09 -5.01 4.07
CA ASP A 145 -4.54 -5.20 4.03
C ASP A 145 -4.83 -6.64 3.68
N THR A 146 -6.05 -7.10 3.98
CA THR A 146 -6.49 -8.38 3.46
C THR A 146 -6.27 -8.37 1.94
N LEU A 147 -5.69 -9.47 1.48
CA LEU A 147 -5.31 -9.62 0.08
C LEU A 147 -6.27 -10.61 -0.59
N MET A 148 -6.99 -10.13 -1.60
CA MET A 148 -8.12 -10.84 -2.17
C MET A 148 -8.15 -10.79 -3.72
N ALA A 149 -8.45 -11.93 -4.35
CA ALA A 149 -8.61 -12.04 -5.80
C ALA A 149 -10.09 -12.03 -6.16
N PRO A 150 -10.57 -10.95 -6.78
CA PRO A 150 -11.99 -10.92 -7.15
C PRO A 150 -12.43 -12.05 -8.09
N GLU A 151 -13.63 -12.56 -7.86
CA GLU A 151 -14.23 -13.51 -8.75
C GLU A 151 -15.06 -12.64 -9.67
N GLY A 152 -14.41 -12.10 -10.70
CA GLY A 152 -14.98 -11.03 -11.52
C GLY A 152 -15.76 -10.02 -10.70
N GLU A 153 -16.81 -10.53 -10.07
CA GLU A 153 -17.78 -9.76 -9.29
C GLU A 153 -17.20 -8.47 -8.67
N ALA A 154 -16.56 -8.58 -7.51
CA ALA A 154 -16.32 -9.83 -6.75
C ALA A 154 -17.33 -9.84 -5.62
N TYR A 155 -17.02 -9.97 -4.30
CA TYR A 155 -15.75 -10.24 -3.57
C TYR A 155 -15.04 -11.43 -4.22
N GLY A 156 -14.61 -12.44 -3.48
CA GLY A 156 -13.73 -13.48 -4.07
C GLY A 156 -12.83 -14.27 -3.13
N ARG A 157 -11.64 -14.62 -3.62
CA ARG A 157 -10.71 -15.53 -2.94
C ARG A 157 -9.63 -14.78 -2.18
N VAL A 158 -9.52 -15.05 -0.88
CA VAL A 158 -8.51 -14.43 -0.04
C VAL A 158 -7.26 -15.31 0.11
N VAL A 159 -6.08 -14.69 0.06
CA VAL A 159 -4.81 -15.38 0.26
C VAL A 159 -4.04 -14.77 1.44
N PRO A 160 -3.20 -15.57 2.14
CA PRO A 160 -2.52 -15.05 3.33
C PRO A 160 -1.55 -13.90 3.05
N ARG A 161 -1.95 -12.67 3.39
CA ARG A 161 -1.13 -11.48 3.14
C ARG A 161 0.27 -11.56 3.78
N GLU A 162 0.39 -12.38 4.82
CA GLU A 162 1.64 -12.58 5.54
C GLU A 162 2.70 -13.31 4.69
N ALA A 163 2.25 -14.03 3.67
CA ALA A 163 3.11 -14.77 2.75
C ALA A 163 3.64 -13.90 1.59
N PHE A 164 3.20 -12.65 1.52
CA PHE A 164 3.42 -11.78 0.36
C PHE A 164 4.05 -10.46 0.75
N ARG A 165 4.69 -9.83 -0.23
CA ARG A 165 5.32 -8.53 -0.04
C ARG A 165 4.98 -7.61 -1.22
N LEU A 166 5.00 -6.31 -0.94
CA LEU A 166 4.98 -5.30 -1.97
C LEU A 166 6.43 -4.93 -2.27
N VAL A 167 6.80 -5.01 -3.54
CA VAL A 167 8.16 -4.73 -3.98
C VAL A 167 8.30 -3.25 -4.35
N GLN A 168 9.33 -2.58 -3.81
CA GLN A 168 9.58 -1.17 -4.14
C GLN A 168 10.90 -1.01 -4.88
N THR A 169 11.33 0.25 -5.02
CA THR A 169 12.64 0.61 -5.56
C THR A 169 13.18 1.71 -4.63
N PRO A 170 14.49 2.04 -4.70
CA PRO A 170 15.51 1.56 -5.65
C PRO A 170 15.89 0.10 -5.45
N GLN A 171 16.22 -0.58 -6.55
CA GLN A 171 16.81 -1.91 -6.49
C GLN A 171 18.31 -1.82 -6.82
N GLY A 172 19.14 -2.50 -6.03
CA GLY A 172 20.59 -2.33 -6.10
C GLY A 172 21.27 -3.60 -6.60
N PHE A 173 22.28 -3.45 -7.45
CA PHE A 173 22.94 -4.61 -8.04
C PHE A 173 24.40 -4.29 -8.30
N PHE A 174 25.25 -5.33 -8.30
CA PHE A 174 26.52 -5.21 -9.02
C PHE A 174 26.16 -4.92 -10.49
N THR A 175 26.77 -3.89 -11.08
CA THR A 175 26.51 -3.50 -12.48
C THR A 175 26.74 -4.68 -13.44
N ALA A 176 27.84 -5.39 -13.24
CA ALA A 176 28.19 -6.57 -14.06
C ALA A 176 27.11 -7.67 -13.99
N LEU A 177 26.49 -7.82 -12.83
CA LEU A 177 25.46 -8.83 -12.67
C LEU A 177 24.20 -8.43 -13.43
N LEU A 178 23.79 -7.17 -13.29
CA LEU A 178 22.62 -6.69 -14.01
C LEU A 178 22.80 -6.72 -15.55
N ARG A 179 24.02 -6.45 -16.01
CA ARG A 179 24.37 -6.67 -17.42
C ARG A 179 24.18 -8.15 -17.82
N GLU A 180 24.73 -9.10 -17.06
CA GLU A 180 24.47 -10.53 -17.33
C GLU A 180 22.98 -10.84 -17.40
N ALA A 181 22.21 -10.29 -16.45
CA ALA A 181 20.77 -10.51 -16.39
C ALA A 181 20.05 -9.98 -17.63
N HIS A 182 20.38 -8.75 -18.03
CA HIS A 182 19.80 -8.18 -19.23
C HIS A 182 20.23 -8.91 -20.51
N ALA A 183 21.47 -9.39 -20.57
CA ALA A 183 21.96 -10.18 -21.73
C ALA A 183 21.20 -11.50 -21.90
N TYR A 184 21.03 -12.22 -20.79
CA TYR A 184 20.26 -13.46 -20.80
C TYR A 184 18.79 -13.21 -21.14
N ALA A 185 18.23 -12.13 -20.60
CA ALA A 185 16.84 -11.77 -20.91
C ALA A 185 16.63 -11.46 -22.40
N ARG A 186 17.60 -10.78 -23.01
CA ARG A 186 17.56 -10.48 -24.45
C ARG A 186 17.49 -11.77 -25.29
N ARG A 187 18.35 -12.75 -24.96
CA ARG A 187 18.36 -14.07 -25.62
C ARG A 187 17.07 -14.87 -25.46
N LYS A 188 16.42 -14.75 -24.30
CA LYS A 188 15.24 -15.54 -23.99
C LYS A 188 13.92 -14.86 -24.34
N GLY A 189 13.96 -13.56 -24.64
CA GLY A 189 12.73 -12.76 -24.79
C GLY A 189 11.95 -12.60 -23.49
N LEU A 190 12.68 -12.62 -22.37
CA LEU A 190 12.10 -12.42 -21.06
C LEU A 190 11.88 -10.95 -20.76
N GLU A 191 10.63 -10.62 -20.45
CA GLU A 191 10.24 -9.31 -20.02
C GLU A 191 9.58 -9.45 -18.65
N ALA A 192 10.02 -8.62 -17.71
CA ALA A 192 9.53 -8.68 -16.34
C ALA A 192 9.31 -7.28 -15.79
N SER A 193 8.57 -7.15 -14.70
CA SER A 193 8.18 -5.87 -14.18
C SER A 193 9.28 -5.19 -13.38
N ASP A 194 10.36 -5.93 -13.08
CA ASP A 194 11.51 -5.30 -12.44
C ASP A 194 12.81 -6.00 -12.79
N ASP A 195 13.91 -5.41 -12.33
CA ASP A 195 15.22 -5.95 -12.59
C ASP A 195 15.52 -7.15 -11.71
N ALA A 196 14.98 -7.18 -10.48
CA ALA A 196 15.20 -8.35 -9.60
C ALA A 196 14.76 -9.64 -10.27
N GLN A 197 13.65 -9.61 -11.01
CA GLN A 197 13.19 -10.83 -11.70
C GLN A 197 14.12 -11.34 -12.79
N LEU A 198 14.83 -10.42 -13.45
CA LEU A 198 15.83 -10.80 -14.48
C LEU A 198 17.04 -11.45 -13.84
N VAL A 199 17.45 -10.93 -12.69
CA VAL A 199 18.60 -11.46 -11.96
C VAL A 199 18.28 -12.87 -11.40
N GLN A 200 17.06 -13.01 -10.86
CA GLN A 200 16.52 -14.31 -10.42
C GLN A 200 16.57 -15.38 -11.53
N ALA A 201 16.26 -14.99 -12.77
CA ALA A 201 16.30 -15.94 -13.90
C ALA A 201 17.70 -16.47 -14.21
N LEU A 202 18.73 -15.78 -13.73
CA LEU A 202 20.10 -16.27 -13.82
C LEU A 202 20.43 -17.38 -12.82
N GLY A 203 19.64 -17.48 -11.76
CA GLY A 203 19.98 -18.38 -10.68
C GLY A 203 20.67 -17.62 -9.56
N TYR A 204 20.67 -16.29 -9.64
CA TYR A 204 21.34 -15.46 -8.62
C TYR A 204 20.36 -15.04 -7.49
N PRO A 205 20.77 -15.25 -6.21
CA PRO A 205 19.91 -14.92 -5.07
C PRO A 205 19.71 -13.42 -4.91
N VAL A 206 18.48 -13.00 -4.71
CA VAL A 206 18.20 -11.56 -4.54
C VAL A 206 17.76 -11.31 -3.09
N ALA A 207 18.56 -10.55 -2.36
CA ALA A 207 18.28 -10.24 -0.97
C ALA A 207 17.19 -9.18 -0.85
N LEU A 208 16.49 -9.21 0.28
CA LEU A 208 15.41 -8.30 0.58
C LEU A 208 15.78 -7.41 1.75
N VAL A 209 15.42 -6.13 1.67
CA VAL A 209 15.56 -5.20 2.80
C VAL A 209 14.22 -4.51 3.06
N GLU A 210 14.08 -3.88 4.22
CA GLU A 210 12.85 -3.18 4.57
C GLU A 210 12.66 -1.95 3.68
N GLY A 211 11.52 -1.88 3.00
CA GLY A 211 11.18 -0.69 2.26
C GLY A 211 10.63 0.38 3.17
N GLU A 212 9.81 1.27 2.62
CA GLU A 212 9.25 2.39 3.37
C GLU A 212 7.94 2.84 2.78
N ALA A 213 6.98 3.14 3.66
CA ALA A 213 5.63 3.50 3.29
C ALA A 213 5.57 4.76 2.44
N THR A 214 6.54 5.64 2.63
CA THR A 214 6.59 6.91 1.90
C THR A 214 7.06 6.73 0.46
N ALA A 215 7.76 5.62 0.18
CA ALA A 215 8.24 5.32 -1.16
C ALA A 215 7.18 4.69 -2.07
N PHE A 216 5.93 5.13 -1.95
CA PHE A 216 4.84 4.61 -2.75
C PHE A 216 4.94 5.13 -4.18
N LYS A 217 4.36 4.37 -5.10
CA LYS A 217 4.39 4.72 -6.52
C LYS A 217 3.17 5.58 -6.81
N ILE A 218 3.36 6.68 -7.52
CA ILE A 218 2.23 7.50 -7.98
C ILE A 218 1.72 6.93 -9.29
N THR A 219 0.58 6.24 -9.21
CA THR A 219 -0.01 5.58 -10.37
C THR A 219 -1.35 6.21 -10.73
N HIS A 220 -2.24 6.31 -9.74
CA HIS A 220 -3.64 6.65 -9.96
C HIS A 220 -3.90 8.05 -9.43
N PRO A 221 -5.02 8.70 -9.83
CA PRO A 221 -5.30 10.08 -9.44
C PRO A 221 -5.25 10.37 -7.94
N GLN A 222 -5.79 9.46 -7.12
CA GLN A 222 -5.73 9.64 -5.67
C GLN A 222 -4.34 9.43 -5.06
N ASP A 223 -3.45 8.72 -5.77
CA ASP A 223 -2.05 8.66 -5.36
C ASP A 223 -1.41 10.05 -5.44
N LEU A 224 -1.68 10.75 -6.53
CA LEU A 224 -1.18 12.10 -6.76
C LEU A 224 -1.60 13.09 -5.67
N VAL A 225 -2.88 13.05 -5.32
CA VAL A 225 -3.43 13.88 -4.23
C VAL A 225 -2.72 13.61 -2.90
N LEU A 226 -2.60 12.34 -2.51
CA LEU A 226 -1.83 11.99 -1.30
C LEU A 226 -0.34 12.44 -1.37
N ALA A 227 0.23 12.41 -2.57
CA ALA A 227 1.62 12.86 -2.78
C ALA A 227 1.81 14.37 -2.50
N GLU A 228 0.83 15.18 -2.92
CA GLU A 228 0.79 16.61 -2.56
C GLU A 228 0.78 16.92 -1.05
N ALA A 229 0.22 16.01 -0.25
CA ALA A 229 0.25 16.18 1.20
C ALA A 229 1.65 16.00 1.80
N LEU A 230 2.32 14.90 1.43
CA LEU A 230 3.65 14.64 1.92
C LEU A 230 4.70 15.64 1.42
N ALA A 231 4.46 16.21 0.24
CA ALA A 231 5.39 17.14 -0.43
C ALA A 231 5.60 18.44 0.34
N ARG A 232 4.56 18.88 1.05
CA ARG A 232 4.59 20.09 1.86
C ARG A 232 5.55 19.98 3.06
N VAL A 233 5.77 18.75 3.52
CA VAL A 233 6.62 18.50 4.69
C VAL A 233 7.82 17.62 4.33
N MET B 24 -27.23 9.24 9.32
CA MET B 24 -27.11 8.10 8.37
C MET B 24 -28.09 6.97 8.64
N GLU B 25 -28.00 6.38 9.85
CA GLU B 25 -28.97 5.36 10.31
C GLU B 25 -28.95 3.91 9.76
N VAL B 26 -28.15 2.96 10.24
CA VAL B 26 -26.70 2.93 10.50
C VAL B 26 -26.10 2.90 11.91
N SER B 27 -25.80 1.67 12.32
CA SER B 27 -24.88 1.38 13.42
C SER B 27 -23.45 1.31 12.90
N VAL B 28 -22.54 2.06 13.52
CA VAL B 28 -21.13 2.00 13.19
C VAL B 28 -20.41 1.25 14.31
N LEU B 29 -19.69 0.19 13.95
CA LEU B 29 -18.96 -0.59 14.95
C LEU B 29 -17.46 -0.43 14.75
N ILE B 30 -16.80 -0.04 15.84
CA ILE B 30 -15.36 0.20 15.84
C ILE B 30 -14.72 -0.77 16.80
N PRO B 31 -14.27 -1.94 16.30
CA PRO B 31 -13.63 -2.99 17.08
C PRO B 31 -12.19 -2.65 17.48
N ALA B 32 -12.03 -1.57 18.23
CA ALA B 32 -10.71 -1.02 18.59
C ALA B 32 -10.05 -1.71 19.80
N ALA B 33 -10.12 -3.03 19.87
CA ALA B 33 -9.54 -3.75 21.01
C ALA B 33 -8.60 -4.85 20.55
N GLY B 34 -9.11 -5.78 19.75
CA GLY B 34 -8.35 -7.00 19.41
C GLY B 34 -7.16 -6.75 18.50
N PRO B 43 -5.62 1.53 24.08
CA PRO B 43 -4.35 2.11 23.69
C PRO B 43 -4.13 2.33 22.19
N LYS B 44 -4.26 1.32 21.35
CA LYS B 44 -4.21 1.58 19.89
C LYS B 44 -5.18 2.69 19.50
N ALA B 45 -6.41 2.60 20.00
CA ALA B 45 -7.41 3.67 19.86
C ALA B 45 -6.95 5.06 20.37
N PHE B 46 -6.03 5.06 21.34
CA PHE B 46 -5.54 6.31 21.96
C PHE B 46 -4.21 6.83 21.35
N LEU B 47 -3.72 6.17 20.30
CA LEU B 47 -2.54 6.64 19.59
C LEU B 47 -2.82 8.01 18.98
N GLN B 48 -1.93 8.95 19.22
CA GLN B 48 -2.08 10.31 18.71
C GLN B 48 -1.48 10.51 17.33
N VAL B 49 -2.24 11.19 16.49
CA VAL B 49 -1.90 11.40 15.09
C VAL B 49 -2.39 12.81 14.82
N GLY B 50 -1.46 13.77 14.81
CA GLY B 50 -1.80 15.19 14.75
C GLY B 50 -2.48 15.63 16.03
N GLY B 51 -3.52 16.44 15.89
CA GLY B 51 -4.30 16.91 17.04
C GLY B 51 -5.12 15.85 17.77
N ARG B 52 -5.58 14.84 17.02
CA ARG B 52 -6.57 13.84 17.50
C ARG B 52 -6.01 12.44 17.71
N THR B 53 -6.52 11.72 18.72
CA THR B 53 -6.27 10.26 18.82
C THR B 53 -6.91 9.55 17.62
N LEU B 54 -6.49 8.33 17.36
CA LEU B 54 -7.12 7.50 16.32
C LEU B 54 -8.64 7.39 16.52
N LEU B 55 -9.07 7.13 17.77
CA LEU B 55 -10.52 7.06 18.08
C LEU B 55 -11.27 8.30 17.62
N GLU B 56 -10.70 9.47 17.91
CA GLU B 56 -11.34 10.75 17.57
C GLU B 56 -11.41 10.97 16.06
N TRP B 57 -10.35 10.60 15.34
CA TRP B 57 -10.39 10.57 13.87
C TRP B 57 -11.61 9.78 13.36
N THR B 58 -11.76 8.57 13.89
CA THR B 58 -12.85 7.67 13.48
C THR B 58 -14.22 8.27 13.81
N LEU B 59 -14.35 8.83 15.01
CA LEU B 59 -15.63 9.42 15.41
C LEU B 59 -16.01 10.60 14.53
N ALA B 60 -15.00 11.37 14.08
CA ALA B 60 -15.27 12.49 13.20
C ALA B 60 -15.72 12.02 11.82
N ALA B 61 -15.11 10.95 11.33
CA ALA B 61 -15.48 10.34 10.05
C ALA B 61 -16.93 9.82 10.03
N PHE B 62 -17.42 9.40 11.18
CA PHE B 62 -18.76 8.82 11.30
C PHE B 62 -19.63 9.66 12.23
N ARG B 63 -19.48 10.97 12.11
CA ARG B 63 -20.14 11.97 12.96
C ARG B 63 -21.66 11.96 12.77
N ASP B 64 -22.13 11.62 11.58
CA ASP B 64 -23.56 11.67 11.30
C ASP B 64 -24.31 10.33 11.42
N ALA B 65 -23.64 9.31 11.98
CA ALA B 65 -24.28 8.01 12.19
C ALA B 65 -25.16 8.05 13.44
N ALA B 66 -26.29 7.36 13.37
CA ALA B 66 -27.26 7.36 14.46
C ALA B 66 -26.72 6.69 15.74
N GLU B 67 -25.86 5.70 15.56
CA GLU B 67 -25.36 4.90 16.68
C GLU B 67 -23.94 4.48 16.38
N VAL B 68 -23.05 4.76 17.33
CA VAL B 68 -21.65 4.41 17.22
C VAL B 68 -21.23 3.57 18.41
N LEU B 69 -20.76 2.37 18.15
CA LEU B 69 -20.35 1.45 19.19
C LEU B 69 -18.88 1.20 19.06
N VAL B 70 -18.17 1.32 20.17
CA VAL B 70 -16.74 1.19 20.19
C VAL B 70 -16.33 0.13 21.22
N ALA B 71 -15.47 -0.80 20.79
CA ALA B 71 -14.87 -1.79 21.70
C ALA B 71 -13.47 -1.36 22.09
N LEU B 72 -13.17 -1.46 23.38
CA LEU B 72 -11.84 -1.08 23.89
C LEU B 72 -11.26 -2.22 24.71
N PRO B 73 -9.92 -2.27 24.82
CA PRO B 73 -9.32 -3.35 25.60
C PRO B 73 -9.79 -3.29 27.06
N PRO B 74 -9.95 -4.45 27.72
CA PRO B 74 -10.35 -4.43 29.14
C PRO B 74 -9.35 -3.61 29.97
N GLY B 75 -9.87 -2.76 30.85
CA GLY B 75 -9.02 -1.90 31.68
C GLY B 75 -8.83 -0.52 31.09
N ALA B 76 -8.99 -0.40 29.77
CA ALA B 76 -8.89 0.90 29.09
C ALA B 76 -10.12 1.75 29.37
N GLU B 77 -9.89 2.97 29.85
CA GLU B 77 -10.98 3.86 30.23
C GLU B 77 -11.37 4.78 29.08
N PRO B 78 -12.68 4.81 28.74
CA PRO B 78 -13.21 5.62 27.66
C PRO B 78 -13.10 7.12 27.94
N PRO B 79 -12.88 7.93 26.89
CA PRO B 79 -12.90 9.39 27.00
C PRO B 79 -14.34 9.90 27.20
N LYS B 80 -14.48 11.03 27.90
CA LYS B 80 -15.72 11.38 28.62
C LYS B 80 -16.92 11.92 27.83
N GLY B 81 -16.69 12.63 26.73
CA GLY B 81 -17.82 13.26 26.03
C GLY B 81 -17.90 13.06 24.53
N LEU B 82 -17.71 11.82 24.08
CA LEU B 82 -17.61 11.52 22.64
C LEU B 82 -18.90 11.00 21.98
N GLY B 83 -19.89 10.65 22.80
CA GLY B 83 -21.21 10.24 22.27
C GLY B 83 -21.26 8.86 21.62
N ALA B 84 -20.16 8.12 21.69
CA ALA B 84 -20.15 6.70 21.37
C ALA B 84 -20.63 5.90 22.58
N VAL B 85 -21.01 4.64 22.35
CA VAL B 85 -21.27 3.70 23.44
C VAL B 85 -20.13 2.68 23.47
N PHE B 86 -19.60 2.42 24.66
CA PHE B 86 -18.38 1.61 24.82
C PHE B 86 -18.63 0.27 25.50
N LEU B 87 -17.98 -0.76 24.97
CA LEU B 87 -18.10 -2.11 25.50
C LEU B 87 -16.71 -2.71 25.54
N GLU B 88 -16.49 -3.69 26.43
CA GLU B 88 -15.21 -4.39 26.41
C GLU B 88 -15.08 -5.17 25.09
N GLY B 89 -13.86 -5.19 24.55
CA GLY B 89 -13.58 -5.91 23.32
C GLY B 89 -13.23 -7.34 23.63
N GLY B 90 -12.98 -8.14 22.60
CA GLY B 90 -12.56 -9.53 22.78
C GLY B 90 -11.06 -9.73 22.55
N ALA B 91 -10.65 -10.99 22.41
CA ALA B 91 -9.23 -11.35 22.23
C ALA B 91 -8.72 -11.00 20.82
N THR B 92 -9.66 -10.91 19.89
CA THR B 92 -9.34 -10.64 18.51
C THR B 92 -10.31 -9.61 18.01
N ARG B 93 -9.92 -8.92 16.96
CA ARG B 93 -10.80 -7.98 16.30
C ARG B 93 -12.18 -8.58 15.97
N GLN B 94 -12.20 -9.80 15.42
CA GLN B 94 -13.48 -10.46 15.08
C GLN B 94 -14.38 -10.65 16.30
N ALA B 95 -13.77 -11.09 17.41
CA ALA B 95 -14.50 -11.29 18.67
C ALA B 95 -15.04 -9.95 19.22
N SER B 96 -14.32 -8.88 18.96
CA SER B 96 -14.76 -7.52 19.31
C SER B 96 -15.94 -7.05 18.48
N VAL B 97 -15.92 -7.34 17.17
CA VAL B 97 -17.07 -7.08 16.30
C VAL B 97 -18.28 -7.86 16.82
N ALA B 98 -18.10 -9.15 17.11
CA ALA B 98 -19.19 -9.99 17.61
C ALA B 98 -19.83 -9.39 18.88
N ARG B 99 -18.99 -8.91 19.81
CA ARG B 99 -19.45 -8.22 21.03
C ARG B 99 -20.21 -6.94 20.75
N LEU B 100 -19.72 -6.11 19.83
CA LEU B 100 -20.46 -4.90 19.42
C LEU B 100 -21.81 -5.18 18.75
N LEU B 101 -21.85 -6.22 17.92
CA LEU B 101 -23.11 -6.65 17.29
C LEU B 101 -24.25 -7.01 18.26
N GLU B 102 -23.92 -7.47 19.48
CA GLU B 102 -24.93 -7.67 20.55
C GLU B 102 -25.79 -6.44 20.73
N ALA B 103 -25.12 -5.27 20.74
CA ALA B 103 -25.72 -4.01 21.07
C ALA B 103 -26.26 -3.21 19.88
N ALA B 104 -25.82 -3.56 18.66
CA ALA B 104 -26.25 -2.84 17.44
C ALA B 104 -27.75 -2.98 17.19
N SER B 105 -28.40 -1.84 17.04
CA SER B 105 -29.87 -1.81 17.03
C SER B 105 -30.46 -1.29 15.73
N LEU B 106 -29.61 -0.87 14.78
CA LEU B 106 -30.11 -0.34 13.50
C LEU B 106 -29.96 -1.36 12.38
N PRO B 107 -30.77 -1.27 11.32
CA PRO B 107 -30.83 -2.37 10.34
C PRO B 107 -29.65 -2.44 9.36
N LEU B 108 -28.84 -1.39 9.32
CA LEU B 108 -27.60 -1.37 8.56
C LEU B 108 -26.43 -1.14 9.47
N VAL B 109 -25.29 -1.72 9.12
CA VAL B 109 -24.11 -1.67 9.94
C VAL B 109 -22.86 -1.40 9.08
N LEU B 110 -21.99 -0.50 9.56
CA LEU B 110 -20.66 -0.29 9.00
C LEU B 110 -19.64 -0.67 10.05
N VAL B 111 -18.64 -1.43 9.63
CA VAL B 111 -17.60 -1.86 10.55
C VAL B 111 -16.27 -1.30 10.04
N HIS B 112 -15.55 -0.64 10.94
CA HIS B 112 -14.38 0.16 10.56
C HIS B 112 -13.16 -0.07 11.47
N ASP B 113 -11.99 -0.14 10.85
CA ASP B 113 -10.71 -0.26 11.55
C ASP B 113 -10.37 1.09 12.14
N VAL B 114 -10.20 1.17 13.46
CA VAL B 114 -9.75 2.42 14.09
C VAL B 114 -8.36 2.90 13.57
N ALA B 115 -7.55 1.97 13.04
CA ALA B 115 -6.22 2.28 12.50
C ALA B 115 -6.23 2.86 11.06
N ARG B 116 -7.43 3.08 10.51
CA ARG B 116 -7.63 3.78 9.23
C ARG B 116 -8.31 5.15 9.48
N PRO B 117 -7.58 6.14 10.04
CA PRO B 117 -8.20 7.44 10.39
C PRO B 117 -8.73 8.27 9.23
N PHE B 118 -8.11 8.16 8.05
CA PHE B 118 -8.46 9.06 6.95
C PHE B 118 -9.43 8.43 5.95
N VAL B 119 -10.69 8.38 6.35
CA VAL B 119 -11.77 7.87 5.54
C VAL B 119 -12.64 9.06 5.16
N SER B 120 -12.78 9.29 3.86
CA SER B 120 -13.49 10.45 3.39
C SER B 120 -14.97 10.20 3.49
N ARG B 121 -15.74 11.26 3.28
CA ARG B 121 -17.19 11.17 3.27
C ARG B 121 -17.68 10.40 2.06
N GLY B 122 -17.02 10.61 0.93
CA GLY B 122 -17.35 9.89 -0.29
C GLY B 122 -17.20 8.39 -0.14
N LEU B 123 -16.16 7.96 0.56
CA LEU B 123 -15.91 6.53 0.78
C LEU B 123 -17.03 5.90 1.65
N VAL B 124 -17.34 6.53 2.77
CA VAL B 124 -18.42 6.08 3.64
C VAL B 124 -19.76 5.95 2.89
N ALA B 125 -20.06 6.95 2.06
CA ALA B 125 -21.31 6.97 1.27
C ALA B 125 -21.31 5.94 0.16
N ARG B 126 -20.15 5.71 -0.44
CA ARG B 126 -19.98 4.64 -1.43
C ARG B 126 -20.30 3.27 -0.81
N VAL B 127 -19.74 3.00 0.37
CA VAL B 127 -19.90 1.68 1.01
C VAL B 127 -21.34 1.50 1.48
N LEU B 128 -21.85 2.52 2.17
CA LEU B 128 -23.22 2.52 2.69
C LEU B 128 -24.25 2.36 1.56
N GLU B 129 -24.06 3.10 0.46
CA GLU B 129 -24.97 3.04 -0.69
C GLU B 129 -25.03 1.63 -1.27
N ALA B 130 -23.86 1.03 -1.45
CA ALA B 130 -23.74 -0.30 -2.00
C ALA B 130 -24.26 -1.39 -1.03
N ALA B 131 -24.07 -1.18 0.27
CA ALA B 131 -24.65 -2.06 1.31
C ALA B 131 -26.18 -2.05 1.23
N GLN B 132 -26.77 -0.86 1.12
CA GLN B 132 -28.24 -0.72 1.00
C GLN B 132 -28.78 -1.39 -0.25
N ARG B 133 -28.01 -1.34 -1.34
CA ARG B 133 -28.43 -1.91 -2.63
C ARG B 133 -28.35 -3.42 -2.64
N SER B 134 -27.30 -3.97 -2.03
CA SER B 134 -27.01 -5.41 -2.17
C SER B 134 -26.93 -6.21 -0.87
N GLY B 135 -26.77 -5.52 0.27
CA GLY B 135 -26.73 -6.18 1.57
C GLY B 135 -25.35 -6.46 2.16
N ALA B 136 -24.32 -6.34 1.33
CA ALA B 136 -22.93 -6.56 1.74
C ALA B 136 -21.99 -5.93 0.71
N ALA B 137 -21.13 -5.02 1.18
CA ALA B 137 -20.23 -4.27 0.31
C ALA B 137 -18.95 -3.88 1.04
N VAL B 138 -17.81 -4.01 0.34
CA VAL B 138 -16.50 -3.54 0.83
C VAL B 138 -15.71 -2.66 -0.16
N PRO B 139 -14.88 -1.74 0.38
CA PRO B 139 -13.99 -0.96 -0.50
C PRO B 139 -12.70 -1.73 -0.79
N VAL B 140 -12.21 -1.62 -2.04
CA VAL B 140 -10.98 -2.30 -2.49
C VAL B 140 -10.07 -1.34 -3.28
N LEU B 141 -8.76 -1.54 -3.16
CA LEU B 141 -7.79 -0.79 -3.95
C LEU B 141 -7.01 -1.76 -4.83
N PRO B 142 -6.54 -1.29 -6.03
CA PRO B 142 -5.59 -2.10 -6.82
C PRO B 142 -4.34 -2.36 -5.99
N VAL B 143 -3.69 -3.51 -6.19
CA VAL B 143 -2.37 -3.72 -5.58
C VAL B 143 -1.35 -2.80 -6.31
N PRO B 144 -0.70 -1.89 -5.56
CA PRO B 144 0.04 -0.81 -6.20
C PRO B 144 1.46 -1.18 -6.67
N ASP B 145 2.02 -2.25 -6.12
CA ASP B 145 3.41 -2.65 -6.35
C ASP B 145 3.44 -4.07 -6.87
N THR B 146 4.57 -4.46 -7.48
CA THR B 146 4.84 -5.87 -7.79
C THR B 146 4.55 -6.72 -6.55
N LEU B 147 3.73 -7.75 -6.73
CA LEU B 147 3.30 -8.60 -5.61
C LEU B 147 4.08 -9.93 -5.60
N MET B 148 4.82 -10.13 -4.52
CA MET B 148 5.83 -11.18 -4.49
C MET B 148 5.77 -12.00 -3.18
N ALA B 149 5.91 -13.32 -3.31
CA ALA B 149 5.94 -14.23 -2.17
C ALA B 149 7.39 -14.66 -1.89
N PRO B 150 7.98 -14.17 -0.79
CA PRO B 150 9.37 -14.57 -0.54
C PRO B 150 9.56 -16.07 -0.42
N GLU B 151 10.68 -16.53 -0.98
CA GLU B 151 11.21 -17.86 -0.75
C GLU B 151 12.36 -17.71 0.24
N GLY B 152 12.08 -17.99 1.51
CA GLY B 152 13.07 -17.71 2.56
C GLY B 152 13.09 -16.23 2.90
N GLU B 153 14.28 -15.69 3.13
CA GLU B 153 14.43 -14.24 3.25
C GLU B 153 14.81 -13.62 1.89
N ALA B 154 14.65 -14.41 0.83
CA ALA B 154 15.09 -14.03 -0.52
C ALA B 154 13.91 -13.74 -1.43
N TYR B 155 14.16 -13.02 -2.53
CA TYR B 155 13.10 -12.60 -3.46
C TYR B 155 11.96 -13.62 -3.75
N GLY B 156 12.16 -14.67 -4.51
CA GLY B 156 10.98 -15.58 -4.69
C GLY B 156 9.95 -15.35 -5.82
N ARG B 157 8.71 -15.77 -5.57
CA ARG B 157 7.67 -15.87 -6.62
C ARG B 157 6.80 -14.61 -6.81
N VAL B 158 6.80 -14.08 -8.02
CA VAL B 158 5.94 -12.96 -8.38
C VAL B 158 4.59 -13.46 -8.91
N VAL B 159 3.51 -12.90 -8.38
CA VAL B 159 2.15 -13.21 -8.86
C VAL B 159 1.58 -11.99 -9.57
N PRO B 160 0.65 -12.19 -10.54
CA PRO B 160 0.02 -11.03 -11.23
C PRO B 160 -0.83 -10.11 -10.33
N ARG B 161 -0.32 -8.91 -10.05
CA ARG B 161 -0.97 -7.97 -9.13
C ARG B 161 -2.34 -7.46 -9.60
N GLU B 162 -2.55 -7.46 -10.92
CA GLU B 162 -3.81 -6.96 -11.49
C GLU B 162 -4.98 -7.88 -11.16
N ALA B 163 -4.68 -9.11 -10.78
CA ALA B 163 -5.68 -10.10 -10.39
C ALA B 163 -6.12 -9.95 -8.91
N PHE B 164 -5.38 -9.13 -8.16
CA PHE B 164 -5.55 -9.01 -6.71
C PHE B 164 -5.99 -7.60 -6.30
N ARG B 165 -6.53 -7.52 -5.08
CA ARG B 165 -6.98 -6.25 -4.52
C ARG B 165 -6.59 -6.19 -3.05
N LEU B 166 -6.37 -4.96 -2.57
CA LEU B 166 -6.28 -4.68 -1.14
C LEU B 166 -7.68 -4.32 -0.62
N VAL B 167 -8.14 -5.05 0.39
CA VAL B 167 -9.46 -4.81 1.03
C VAL B 167 -9.29 -3.85 2.23
N GLN B 168 -10.10 -2.79 2.25
CA GLN B 168 -10.26 -1.85 3.38
C GLN B 168 -11.73 -2.16 3.87
N THR B 169 -12.38 -1.10 4.34
CA THR B 169 -13.01 -0.77 5.63
C THR B 169 -13.25 0.76 5.48
N PRO B 170 -14.45 1.26 5.75
CA PRO B 170 -15.54 0.44 6.35
C PRO B 170 -16.15 -0.66 5.47
N GLN B 171 -16.59 -1.74 6.11
CA GLN B 171 -17.38 -2.77 5.43
C GLN B 171 -18.84 -2.64 5.87
N GLY B 172 -19.77 -2.70 4.92
CA GLY B 172 -21.17 -2.39 5.17
C GLY B 172 -22.05 -3.59 4.88
N PHE B 173 -23.04 -3.80 5.75
CA PHE B 173 -23.92 -4.98 5.68
C PHE B 173 -25.33 -4.65 6.22
N PHE B 174 -26.35 -5.39 5.77
CA PHE B 174 -27.56 -5.54 6.56
C PHE B 174 -27.12 -6.15 7.90
N THR B 175 -27.43 -5.46 9.01
CA THR B 175 -27.05 -5.94 10.36
C THR B 175 -27.41 -7.41 10.65
N ALA B 176 -28.64 -7.81 10.30
CA ALA B 176 -29.06 -9.21 10.55
C ALA B 176 -28.16 -10.24 9.85
N LEU B 177 -27.68 -9.89 8.64
CA LEU B 177 -26.77 -10.77 7.89
C LEU B 177 -25.42 -10.88 8.60
N LEU B 178 -24.85 -9.75 9.00
CA LEU B 178 -23.57 -9.77 9.70
C LEU B 178 -23.68 -10.52 11.04
N ARG B 179 -24.78 -10.31 11.75
CA ARG B 179 -25.05 -11.04 12.97
C ARG B 179 -25.08 -12.55 12.71
N GLU B 180 -25.86 -12.99 11.72
CA GLU B 180 -25.87 -14.41 11.33
C GLU B 180 -24.47 -14.92 10.93
N ALA B 181 -23.72 -14.12 10.18
CA ALA B 181 -22.36 -14.50 9.79
C ALA B 181 -21.44 -14.69 11.00
N HIS B 182 -21.56 -13.82 11.98
CA HIS B 182 -20.77 -13.98 13.20
C HIS B 182 -21.15 -15.17 14.06
N ALA B 183 -22.45 -15.44 14.17
CA ALA B 183 -22.95 -16.60 14.92
C ALA B 183 -22.47 -17.92 14.29
N TYR B 184 -22.58 -17.99 12.96
CA TYR B 184 -22.19 -19.18 12.22
C TYR B 184 -20.67 -19.40 12.32
N ALA B 185 -19.90 -18.30 12.28
CA ALA B 185 -18.45 -18.39 12.43
C ALA B 185 -18.05 -18.91 13.82
N ARG B 186 -18.65 -18.34 14.87
CA ARG B 186 -18.44 -18.81 16.25
C ARG B 186 -18.80 -20.30 16.40
N ARG B 187 -19.92 -20.71 15.80
CA ARG B 187 -20.37 -22.11 15.81
C ARG B 187 -19.36 -23.06 15.16
N LYS B 188 -18.80 -22.62 14.04
CA LYS B 188 -17.84 -23.40 13.24
C LYS B 188 -16.38 -23.22 13.62
N GLY B 189 -16.09 -22.22 14.47
CA GLY B 189 -14.70 -21.90 14.77
C GLY B 189 -13.96 -21.21 13.64
N LEU B 190 -14.69 -20.57 12.73
CA LEU B 190 -14.07 -19.78 11.64
C LEU B 190 -13.51 -18.46 12.16
N GLU B 191 -12.22 -18.24 11.90
CA GLU B 191 -11.55 -16.98 12.17
C GLU B 191 -11.01 -16.40 10.86
N ALA B 192 -11.37 -15.16 10.56
CA ALA B 192 -10.99 -14.55 9.30
C ALA B 192 -10.60 -13.10 9.56
N SER B 193 -9.89 -12.49 8.59
CA SER B 193 -9.27 -11.19 8.79
C SER B 193 -10.22 -10.02 8.55
N ASP B 194 -11.42 -10.31 8.06
CA ASP B 194 -12.43 -9.28 7.95
C ASP B 194 -13.82 -9.87 8.03
N ASP B 195 -14.81 -8.99 7.96
CA ASP B 195 -16.20 -9.37 8.05
C ASP B 195 -16.76 -9.96 6.77
N ALA B 196 -16.30 -9.44 5.62
CA ALA B 196 -16.75 -9.94 4.31
C ALA B 196 -16.57 -11.45 4.15
N GLN B 197 -15.43 -11.97 4.62
CA GLN B 197 -15.17 -13.41 4.59
C GLN B 197 -16.16 -14.25 5.41
N LEU B 198 -16.65 -13.69 6.52
CA LEU B 198 -17.69 -14.38 7.32
C LEU B 198 -19.03 -14.46 6.59
N VAL B 199 -19.41 -13.35 5.97
CA VAL B 199 -20.64 -13.29 5.17
C VAL B 199 -20.54 -14.24 3.96
N GLN B 200 -19.38 -14.19 3.28
CA GLN B 200 -19.07 -15.10 2.18
C GLN B 200 -19.25 -16.58 2.57
N ALA B 201 -18.81 -16.93 3.78
CA ALA B 201 -18.95 -18.31 4.29
C ALA B 201 -20.40 -18.76 4.45
N LEU B 202 -21.33 -17.81 4.49
CA LEU B 202 -22.75 -18.11 4.48
C LEU B 202 -23.28 -18.40 3.06
N GLY B 203 -22.49 -18.06 2.05
CA GLY B 203 -22.93 -18.20 0.65
C GLY B 203 -23.59 -16.93 0.14
N TYR B 204 -23.52 -15.85 0.90
CA TYR B 204 -24.09 -14.57 0.47
C TYR B 204 -23.08 -13.73 -0.33
N PRO B 205 -23.52 -13.15 -1.48
CA PRO B 205 -22.63 -12.30 -2.29
C PRO B 205 -22.18 -10.99 -1.61
N VAL B 206 -20.91 -10.65 -1.81
CA VAL B 206 -20.32 -9.41 -1.32
C VAL B 206 -19.84 -8.52 -2.48
N ALA B 207 -20.46 -7.35 -2.58
CA ALA B 207 -20.17 -6.38 -3.63
C ALA B 207 -18.86 -5.64 -3.31
N LEU B 208 -18.26 -5.07 -4.34
CA LEU B 208 -17.01 -4.31 -4.18
C LEU B 208 -17.23 -2.88 -4.60
N VAL B 209 -16.62 -1.95 -3.87
CA VAL B 209 -16.63 -0.56 -4.30
C VAL B 209 -15.20 -0.06 -4.30
N GLU B 210 -14.98 1.08 -4.95
CA GLU B 210 -13.68 1.73 -4.95
C GLU B 210 -13.27 2.21 -3.56
N GLY B 211 -12.08 1.82 -3.12
CA GLY B 211 -11.49 2.35 -1.90
C GLY B 211 -10.85 3.72 -2.05
N GLU B 212 -9.94 4.06 -1.16
CA GLU B 212 -9.20 5.33 -1.20
C GLU B 212 -7.79 5.10 -0.73
N ALA B 213 -6.81 5.65 -1.46
CA ALA B 213 -5.41 5.62 -1.05
C ALA B 213 -5.16 6.16 0.37
N THR B 214 -5.92 7.19 0.74
CA THR B 214 -5.79 7.81 2.06
C THR B 214 -6.26 6.93 3.22
N ALA B 215 -7.04 5.89 2.91
CA ALA B 215 -7.62 5.02 3.94
C ALA B 215 -6.73 3.86 4.31
N PHE B 216 -5.43 4.10 4.31
CA PHE B 216 -4.45 3.10 4.70
C PHE B 216 -4.51 2.82 6.20
N LYS B 217 -4.09 1.61 6.57
CA LYS B 217 -4.09 1.18 7.94
C LYS B 217 -2.74 1.53 8.53
N ILE B 218 -2.74 2.17 9.70
CA ILE B 218 -1.50 2.46 10.42
C ILE B 218 -1.09 1.25 11.25
N THR B 219 -0.01 0.59 10.82
CA THR B 219 0.47 -0.64 11.44
C THR B 219 1.90 -0.46 11.99
N HIS B 220 2.76 0.15 11.20
CA HIS B 220 4.19 0.23 11.51
C HIS B 220 4.56 1.70 11.71
N PRO B 221 5.64 1.97 12.50
CA PRO B 221 6.04 3.34 12.86
C PRO B 221 6.22 4.34 11.70
N GLN B 222 6.43 3.84 10.49
CA GLN B 222 6.59 4.70 9.33
C GLN B 222 5.26 5.03 8.66
N ASP B 223 4.22 4.26 8.96
CA ASP B 223 2.84 4.58 8.55
C ASP B 223 2.41 5.87 9.25
N LEU B 224 2.83 6.00 10.51
CA LEU B 224 2.64 7.22 11.31
C LEU B 224 3.20 8.46 10.62
N VAL B 225 4.38 8.31 10.03
CA VAL B 225 5.05 9.35 9.26
C VAL B 225 4.11 9.87 8.17
N LEU B 226 3.61 8.95 7.35
CA LEU B 226 2.67 9.26 6.28
C LEU B 226 1.39 9.91 6.83
N ALA B 227 0.89 9.35 7.92
CA ALA B 227 -0.35 9.81 8.58
C ALA B 227 -0.28 11.23 9.13
N GLU B 228 0.79 11.52 9.88
CA GLU B 228 0.95 12.83 10.51
C GLU B 228 1.14 13.95 9.49
N ALA B 229 1.65 13.61 8.31
CA ALA B 229 1.72 14.54 7.20
C ALA B 229 0.35 14.79 6.59
N LEU B 230 -0.45 13.72 6.45
CA LEU B 230 -1.79 13.84 5.91
C LEU B 230 -2.71 14.56 6.91
N ALA B 231 -2.49 14.30 8.20
CA ALA B 231 -3.22 14.93 9.29
C ALA B 231 -3.17 16.45 9.22
N ARG B 232 -2.04 16.96 8.73
CA ARG B 232 -1.80 18.40 8.61
C ARG B 232 -2.75 19.07 7.63
N VAL B 233 -3.20 18.31 6.64
CA VAL B 233 -4.18 18.77 5.67
C VAL B 233 -5.37 17.81 5.62
#